data_6C0Z
#
_entry.id   6C0Z
#
_cell.length_a   72.059
_cell.length_b   72.063
_cell.length_c   104.555
_cell.angle_alpha   90.000
_cell.angle_beta   90.000
_cell.angle_gamma   90.000
#
_symmetry.space_group_name_H-M   'P 21 2 21'
#
loop_
_entity.id
_entity.type
_entity.pdbx_description
1 polymer Efga
2 non-polymer 'FORMIC ACID'
3 non-polymer oxydimethanol
4 water water
#
_entity_poly.entity_id   1
_entity_poly.type   'polypeptide(L)'
_entity_poly.pdbx_seq_one_letter_code
;MGSSHHHHHHSSGLVPRGSHMHVTIEQAEKAIQAARAKAVELGTQMCIAIVDSGGNLKAFHRMDGAWVGSIDIAQKKAKT
AVFFGMKTGQIGALSQPGGSLYGIEHSNQGLITFPGGIPIVDADGEMSGAIGVSGSSVENDDAVALAGASAIGDTELPDH
PWRT
;
_entity_poly.pdbx_strand_id   B,A,C,D
#
# COMPACT_ATOMS: atom_id res chain seq x y z
N MET A 21 -0.41 -3.69 -23.93
CA MET A 21 -0.74 -4.86 -23.13
C MET A 21 -0.48 -4.64 -21.65
N HIS A 22 -1.28 -5.33 -20.82
CA HIS A 22 -1.11 -5.35 -19.37
C HIS A 22 -0.60 -6.72 -18.94
N VAL A 23 0.28 -6.74 -17.95
CA VAL A 23 0.73 -8.01 -17.38
C VAL A 23 -0.48 -8.71 -16.79
N THR A 24 -0.64 -10.00 -17.10
CA THR A 24 -1.71 -10.80 -16.50
C THR A 24 -1.27 -11.37 -15.16
N ILE A 25 -2.26 -11.81 -14.36
CA ILE A 25 -1.92 -12.42 -13.07
C ILE A 25 -1.16 -13.73 -13.27
N GLU A 26 -1.44 -14.46 -14.38
CA GLU A 26 -0.67 -15.67 -14.68
C GLU A 26 0.80 -15.33 -14.90
N GLN A 27 1.08 -14.25 -15.65
CA GLN A 27 2.45 -13.79 -15.84
C GLN A 27 3.06 -13.30 -14.53
N ALA A 28 2.30 -12.49 -13.78
CA ALA A 28 2.79 -12.00 -12.49
C ALA A 28 3.19 -13.15 -11.56
N GLU A 29 2.36 -14.19 -11.46
CA GLU A 29 2.70 -15.29 -10.56
C GLU A 29 3.88 -16.12 -11.08
N LYS A 30 3.97 -16.28 -12.40
CA LYS A 30 5.14 -16.92 -12.97
C LYS A 30 6.40 -16.12 -12.70
N ALA A 31 6.33 -14.79 -12.83
CA ALA A 31 7.48 -13.96 -12.48
C ALA A 31 7.82 -14.06 -10.99
N ILE A 32 6.82 -14.14 -10.14
CA ILE A 32 7.08 -14.25 -8.71
C ILE A 32 7.76 -15.58 -8.37
N GLN A 33 7.27 -16.68 -8.95
CA GLN A 33 7.88 -17.97 -8.65
C GLN A 33 9.32 -18.06 -9.17
N ALA A 34 9.61 -17.44 -10.32
CA ALA A 34 10.99 -17.41 -10.81
C ALA A 34 11.88 -16.57 -9.91
N ALA A 35 11.39 -15.42 -9.47
CA ALA A 35 12.14 -14.62 -8.50
C ALA A 35 12.35 -15.39 -7.21
N ARG A 36 11.31 -16.06 -6.70
CA ARG A 36 11.42 -16.84 -5.47
C ARG A 36 12.53 -17.91 -5.60
N ALA A 37 12.53 -18.63 -6.71
CA ALA A 37 13.53 -19.69 -6.88
C ALA A 37 14.94 -19.13 -6.93
N LYS A 38 15.13 -17.96 -7.58
CA LYS A 38 16.45 -17.34 -7.59
C LYS A 38 16.86 -16.85 -6.20
N ALA A 39 15.91 -16.27 -5.45
CA ALA A 39 16.19 -15.82 -4.09
C ALA A 39 16.68 -16.98 -3.22
N VAL A 40 16.00 -18.13 -3.30
CA VAL A 40 16.42 -19.32 -2.55
C VAL A 40 17.83 -19.73 -2.94
N GLU A 41 18.08 -19.82 -4.25
CA GLU A 41 19.40 -20.16 -4.76
C GLU A 41 20.48 -19.27 -4.13
N LEU A 42 20.17 -17.99 -3.92
CA LEU A 42 21.12 -17.05 -3.35
C LEU A 42 21.11 -16.99 -1.83
N GLY A 43 20.26 -17.78 -1.15
CA GLY A 43 20.17 -17.71 0.30
C GLY A 43 19.54 -16.43 0.82
N THR A 44 18.53 -15.92 0.14
CA THR A 44 17.89 -14.66 0.51
C THR A 44 16.41 -14.88 0.77
N GLN A 45 15.82 -13.97 1.54
CA GLN A 45 14.38 -13.95 1.79
C GLN A 45 13.87 -12.60 1.33
N MET A 46 13.04 -12.61 0.29
CA MET A 46 12.71 -11.39 -0.46
C MET A 46 11.23 -11.09 -0.36
N CYS A 47 10.90 -9.79 -0.49
CA CYS A 47 9.58 -9.34 -0.92
C CYS A 47 9.60 -9.07 -2.40
N ILE A 48 8.57 -9.55 -3.11
CA ILE A 48 8.50 -9.49 -4.55
C ILE A 48 7.14 -8.91 -4.93
N ALA A 49 7.15 -7.75 -5.60
CA ALA A 49 5.94 -7.09 -6.08
C ALA A 49 5.93 -6.99 -7.61
N ILE A 50 4.72 -7.11 -8.17
CA ILE A 50 4.44 -6.85 -9.58
C ILE A 50 3.38 -5.76 -9.65
N VAL A 51 3.62 -4.71 -10.46
CA VAL A 51 2.62 -3.67 -10.72
C VAL A 51 2.31 -3.66 -12.21
N ASP A 52 1.15 -3.09 -12.55
CA ASP A 52 0.76 -2.95 -13.95
C ASP A 52 1.33 -1.64 -14.51
N SER A 53 0.97 -1.35 -15.76
CA SER A 53 1.57 -0.22 -16.45
C SER A 53 1.14 1.13 -15.87
N GLY A 54 0.09 1.17 -15.02
CA GLY A 54 -0.28 2.35 -14.28
C GLY A 54 0.30 2.45 -12.89
N GLY A 55 1.13 1.51 -12.48
CA GLY A 55 1.67 1.50 -11.13
C GLY A 55 0.77 0.87 -10.09
N ASN A 56 -0.35 0.30 -10.49
CA ASN A 56 -1.25 -0.34 -9.55
C ASN A 56 -0.82 -1.79 -9.30
N LEU A 57 -0.93 -2.19 -8.03
CA LEU A 57 -0.44 -3.50 -7.60
C LEU A 57 -1.21 -4.61 -8.30
N LYS A 58 -0.47 -5.57 -8.85
CA LYS A 58 -1.02 -6.76 -9.49
C LYS A 58 -0.84 -8.02 -8.64
N ALA A 59 0.34 -8.19 -8.05
CA ALA A 59 0.65 -9.36 -7.23
C ALA A 59 1.76 -9.00 -6.26
N PHE A 60 1.79 -9.71 -5.13
CA PHE A 60 2.81 -9.50 -4.10
C PHE A 60 3.02 -10.80 -3.34
N HIS A 61 4.29 -11.07 -3.01
CA HIS A 61 4.72 -12.28 -2.32
C HIS A 61 5.80 -11.86 -1.33
N ARG A 62 5.54 -11.97 0.00
CA ARG A 62 6.58 -11.83 1.01
C ARG A 62 7.08 -13.22 1.43
N MET A 63 8.32 -13.54 1.07
CA MET A 63 8.93 -14.80 1.51
C MET A 63 8.99 -14.85 3.03
N ASP A 64 8.83 -16.07 3.56
CA ASP A 64 9.05 -16.29 4.97
C ASP A 64 10.43 -15.79 5.38
N GLY A 65 10.45 -14.98 6.46
CA GLY A 65 11.67 -14.40 6.99
C GLY A 65 12.11 -13.09 6.35
N ALA A 66 11.38 -12.57 5.38
CA ALA A 66 11.83 -11.35 4.73
C ALA A 66 11.62 -10.14 5.66
N TRP A 67 12.52 -9.18 5.55
CA TRP A 67 12.44 -8.02 6.42
C TRP A 67 11.11 -7.31 6.22
N VAL A 68 10.52 -6.84 7.32
CA VAL A 68 9.22 -6.17 7.20
C VAL A 68 9.35 -4.87 6.41
N GLY A 69 10.48 -4.20 6.56
CA GLY A 69 10.68 -2.96 5.83
C GLY A 69 10.80 -3.15 4.33
N SER A 70 11.04 -4.38 3.88
CA SER A 70 11.11 -4.69 2.46
C SER A 70 9.74 -4.74 1.78
N ILE A 71 8.65 -4.81 2.53
CA ILE A 71 7.33 -4.86 1.90
C ILE A 71 7.08 -3.60 1.11
N ASP A 72 7.31 -2.45 1.75
CA ASP A 72 7.04 -1.17 1.09
C ASP A 72 8.04 -0.89 0.01
N ILE A 73 9.30 -1.25 0.25
CA ILE A 73 10.35 -0.95 -0.70
C ILE A 73 10.16 -1.73 -1.98
N ALA A 74 9.80 -3.02 -1.88
CA ALA A 74 9.58 -3.83 -3.07
C ALA A 74 8.49 -3.22 -3.93
N GLN A 75 7.40 -2.80 -3.28
CA GLN A 75 6.31 -2.18 -4.03
C GLN A 75 6.71 -0.83 -4.61
N LYS A 76 7.41 0.00 -3.84
CA LYS A 76 7.86 1.29 -4.37
C LYS A 76 8.84 1.11 -5.51
N LYS A 77 9.69 0.08 -5.44
CA LYS A 77 10.60 -0.18 -6.55
C LYS A 77 9.85 -0.52 -7.83
N ALA A 78 8.81 -1.33 -7.73
CA ALA A 78 8.09 -1.74 -8.93
C ALA A 78 7.39 -0.54 -9.56
N LYS A 79 6.77 0.28 -8.71
CA LYS A 79 6.15 1.52 -9.13
C LYS A 79 7.15 2.46 -9.79
N THR A 80 8.30 2.67 -9.17
CA THR A 80 9.32 3.57 -9.73
C THR A 80 9.75 3.10 -11.11
N ALA A 81 10.06 1.81 -11.25
CA ALA A 81 10.49 1.28 -12.54
C ALA A 81 9.46 1.55 -13.63
N VAL A 82 8.18 1.28 -13.35
CA VAL A 82 7.17 1.42 -14.39
C VAL A 82 6.84 2.88 -14.61
N PHE A 83 7.00 3.73 -13.59
CA PHE A 83 6.71 5.15 -13.78
C PHE A 83 7.66 5.83 -14.76
N PHE A 84 8.87 5.31 -14.94
CA PHE A 84 9.88 5.94 -15.76
C PHE A 84 10.49 5.04 -16.82
N GLY A 85 10.07 3.77 -16.90
CA GLY A 85 10.58 2.87 -17.93
C GLY A 85 12.06 2.59 -17.79
N MET A 86 12.55 2.49 -16.55
CA MET A 86 13.97 2.37 -16.28
C MET A 86 14.14 1.39 -15.13
N LYS A 87 15.32 0.77 -15.06
CA LYS A 87 15.68 0.11 -13.82
C LYS A 87 15.91 1.17 -12.73
N THR A 88 15.58 0.82 -11.48
CA THR A 88 15.53 1.84 -10.44
C THR A 88 16.91 2.45 -10.18
N GLY A 89 17.95 1.62 -10.21
CA GLY A 89 19.30 2.12 -10.00
C GLY A 89 19.76 3.07 -11.09
N GLN A 90 19.19 2.96 -12.28
CA GLN A 90 19.53 3.91 -13.33
C GLN A 90 19.05 5.33 -12.99
N ILE A 91 17.97 5.45 -12.22
CA ILE A 91 17.49 6.76 -11.78
C ILE A 91 18.37 7.30 -10.65
N GLY A 92 18.73 6.43 -9.72
CA GLY A 92 19.63 6.81 -8.63
C GLY A 92 20.98 7.31 -9.14
N ALA A 93 21.46 6.76 -10.26
CA ALA A 93 22.68 7.28 -10.87
C ALA A 93 22.53 8.73 -11.28
N LEU A 94 21.30 9.21 -11.48
CA LEU A 94 21.04 10.57 -11.93
C LEU A 94 20.55 11.50 -10.84
N SER A 95 20.27 10.98 -9.65
CA SER A 95 19.63 11.76 -8.60
C SER A 95 20.54 11.96 -7.39
N GLN A 96 21.84 11.68 -7.54
CA GLN A 96 22.81 12.07 -6.54
C GLN A 96 22.90 13.60 -6.44
N PRO A 97 23.43 14.10 -5.33
CA PRO A 97 23.81 15.52 -5.29
C PRO A 97 24.59 15.90 -6.54
N GLY A 98 24.20 17.01 -7.15
CA GLY A 98 24.78 17.45 -8.41
C GLY A 98 24.19 16.80 -9.63
N GLY A 99 23.32 15.82 -9.45
CA GLY A 99 22.74 15.15 -10.59
C GLY A 99 21.51 15.84 -11.11
N SER A 100 21.18 15.51 -12.35
CA SER A 100 20.09 16.21 -13.03
C SER A 100 18.74 15.96 -12.36
N LEU A 101 18.56 14.83 -11.69
CA LEU A 101 17.29 14.48 -11.07
C LEU A 101 17.35 14.52 -9.56
N TYR A 102 18.31 15.25 -9.00
CA TYR A 102 18.44 15.40 -7.55
C TYR A 102 17.10 15.79 -6.94
N GLY A 103 16.59 14.96 -6.04
CA GLY A 103 15.32 15.22 -5.38
C GLY A 103 14.12 14.51 -5.97
N ILE A 104 14.28 13.73 -7.02
CA ILE A 104 13.11 13.17 -7.70
C ILE A 104 12.34 12.24 -6.76
N GLU A 105 13.03 11.65 -5.78
CA GLU A 105 12.40 10.69 -4.87
C GLU A 105 11.24 11.28 -4.06
N HIS A 106 11.18 12.60 -3.90
CA HIS A 106 10.05 13.22 -3.21
C HIS A 106 8.75 13.15 -4.02
N SER A 107 8.83 12.84 -5.30
CA SER A 107 7.64 12.84 -6.12
C SER A 107 6.90 11.51 -5.98
N ASN A 108 5.66 11.49 -6.49
CA ASN A 108 4.94 10.23 -6.69
C ASN A 108 4.80 9.42 -5.39
N GLN A 109 4.57 10.08 -4.27
CA GLN A 109 4.43 9.41 -2.98
C GLN A 109 5.64 8.60 -2.60
N GLY A 110 6.80 8.89 -3.18
CA GLY A 110 8.01 8.23 -2.74
C GLY A 110 8.50 7.20 -3.72
N LEU A 111 9.66 7.46 -4.27
CA LEU A 111 10.32 6.54 -5.18
C LEU A 111 11.44 5.85 -4.43
N ILE A 112 11.89 4.73 -5.00
CA ILE A 112 13.12 4.08 -4.60
C ILE A 112 14.01 4.00 -5.82
N THR A 113 15.25 4.47 -5.68
CA THR A 113 16.12 4.65 -6.82
C THR A 113 17.43 3.88 -6.67
N PHE A 114 17.46 2.89 -5.80
CA PHE A 114 18.54 1.93 -5.80
C PHE A 114 18.04 0.62 -6.39
N PRO A 115 18.96 -0.26 -6.83
CA PRO A 115 18.56 -1.43 -7.63
C PRO A 115 17.52 -2.33 -6.99
N GLY A 116 16.69 -2.94 -7.86
CA GLY A 116 15.70 -3.92 -7.45
C GLY A 116 14.36 -3.83 -8.19
N GLY A 117 14.15 -2.73 -8.90
CA GLY A 117 12.99 -2.57 -9.78
C GLY A 117 13.41 -2.66 -11.25
N ILE A 118 12.64 -3.43 -12.00
CA ILE A 118 12.89 -3.65 -13.43
C ILE A 118 11.58 -3.61 -14.20
N PRO A 119 11.50 -2.89 -15.32
CA PRO A 119 10.34 -3.01 -16.21
C PRO A 119 10.14 -4.41 -16.78
N ILE A 120 8.87 -4.76 -16.96
CA ILE A 120 8.44 -5.95 -17.69
C ILE A 120 8.07 -5.47 -19.09
N VAL A 121 8.71 -6.04 -20.11
CA VAL A 121 8.53 -5.57 -21.48
C VAL A 121 8.02 -6.74 -22.34
N ASP A 122 6.92 -6.49 -23.05
CA ASP A 122 6.31 -7.50 -23.88
C ASP A 122 7.09 -7.69 -25.19
N ALA A 123 6.61 -8.60 -26.03
CA ALA A 123 7.31 -8.85 -27.29
C ALA A 123 7.26 -7.65 -28.23
N ASP A 124 6.17 -6.88 -28.19
CA ASP A 124 6.06 -5.68 -28.99
C ASP A 124 6.98 -4.57 -28.51
N GLY A 125 7.77 -4.80 -27.46
CA GLY A 125 8.59 -3.76 -26.89
C GLY A 125 7.81 -2.79 -26.03
N GLU A 126 6.58 -3.14 -25.65
CA GLU A 126 5.75 -2.29 -24.83
C GLU A 126 5.92 -2.69 -23.36
N MET A 127 6.10 -1.70 -22.50
CA MET A 127 6.12 -1.93 -21.07
C MET A 127 4.72 -2.24 -20.57
N SER A 128 4.56 -3.41 -19.98
CA SER A 128 3.26 -3.90 -19.53
C SER A 128 3.13 -3.88 -18.01
N GLY A 129 4.18 -3.48 -17.30
CA GLY A 129 4.24 -3.56 -15.85
C GLY A 129 5.69 -3.57 -15.39
N ALA A 130 5.88 -3.95 -14.13
CA ALA A 130 7.23 -3.93 -13.57
C ALA A 130 7.31 -4.82 -12.34
N ILE A 131 8.52 -5.28 -12.05
CA ILE A 131 8.79 -6.09 -10.86
C ILE A 131 9.65 -5.28 -9.90
N GLY A 132 9.42 -5.51 -8.61
CA GLY A 132 10.28 -4.94 -7.58
C GLY A 132 10.64 -5.95 -6.50
N VAL A 133 11.89 -5.90 -6.04
CA VAL A 133 12.45 -6.87 -5.13
C VAL A 133 13.24 -6.15 -4.05
N SER A 134 13.01 -6.55 -2.80
CA SER A 134 13.74 -6.02 -1.65
C SER A 134 13.87 -7.11 -0.60
N GLY A 135 14.99 -7.09 0.10
CA GLY A 135 15.20 -8.03 1.19
C GLY A 135 16.63 -8.45 1.43
N SER A 136 17.54 -8.07 0.54
CA SER A 136 18.94 -8.48 0.67
C SER A 136 19.81 -7.29 0.28
N SER A 137 21.04 -7.57 -0.15
CA SER A 137 21.86 -6.54 -0.79
C SER A 137 21.16 -6.07 -2.06
N VAL A 138 21.41 -4.80 -2.46
CA VAL A 138 20.73 -4.32 -3.67
C VAL A 138 21.17 -5.13 -4.88
N GLU A 139 22.37 -5.70 -4.86
CA GLU A 139 22.80 -6.51 -6.00
C GLU A 139 22.01 -7.82 -6.09
N ASN A 140 21.75 -8.46 -4.97
CA ASN A 140 20.90 -9.65 -4.98
C ASN A 140 19.45 -9.26 -5.26
N ASP A 141 19.01 -8.12 -4.74
CA ASP A 141 17.66 -7.65 -5.10
C ASP A 141 17.51 -7.58 -6.62
N ASP A 142 18.52 -7.02 -7.30
CA ASP A 142 18.43 -6.84 -8.74
C ASP A 142 18.55 -8.18 -9.48
N ALA A 143 19.36 -9.09 -8.97
CA ALA A 143 19.49 -10.40 -9.58
C ALA A 143 18.18 -11.18 -9.51
N VAL A 144 17.49 -11.08 -8.38
CA VAL A 144 16.20 -11.75 -8.23
C VAL A 144 15.14 -11.09 -9.11
N ALA A 145 15.14 -9.76 -9.15
CA ALA A 145 14.23 -9.04 -10.04
C ALA A 145 14.40 -9.49 -11.49
N LEU A 146 15.66 -9.58 -11.94
CA LEU A 146 15.93 -9.94 -13.32
C LEU A 146 15.46 -11.34 -13.64
N ALA A 147 15.66 -12.30 -12.72
CA ALA A 147 15.16 -13.65 -12.94
C ALA A 147 13.66 -13.67 -13.09
N GLY A 148 12.96 -12.85 -12.28
CA GLY A 148 11.52 -12.73 -12.40
C GLY A 148 11.06 -12.12 -13.72
N ALA A 149 11.66 -10.98 -14.10
CA ALA A 149 11.21 -10.34 -15.34
C ALA A 149 11.60 -11.18 -16.56
N SER A 150 12.78 -11.79 -16.55
CA SER A 150 13.19 -12.61 -17.69
C SER A 150 12.33 -13.85 -17.86
N ALA A 151 11.63 -14.29 -16.82
CA ALA A 151 10.77 -15.46 -16.99
C ALA A 151 9.55 -15.12 -17.83
N ILE A 152 9.19 -13.85 -17.96
CA ILE A 152 7.94 -13.54 -18.64
C ILE A 152 8.09 -12.54 -19.77
N GLY A 153 9.30 -12.01 -19.97
CA GLY A 153 9.54 -11.18 -21.13
C GLY A 153 10.93 -10.59 -21.20
N ASP A 154 11.03 -9.42 -21.84
CA ASP A 154 12.25 -8.63 -21.84
C ASP A 154 12.24 -7.66 -20.66
N THR A 155 13.34 -6.92 -20.53
CA THR A 155 13.54 -6.04 -19.39
C THR A 155 13.94 -4.63 -19.79
N GLU A 156 14.22 -4.38 -21.07
CA GLU A 156 14.76 -3.12 -21.57
C GLU A 156 13.88 -2.61 -22.70
N LEU A 157 13.71 -1.27 -22.74
CA LEU A 157 12.94 -0.61 -23.79
C LEU A 157 13.87 -0.13 -24.93
N MET B 21 1.75 -17.87 16.30
CA MET B 21 2.04 -18.35 14.95
C MET B 21 1.69 -17.28 13.91
N HIS B 22 2.54 -17.15 12.89
CA HIS B 22 2.35 -16.24 11.78
C HIS B 22 1.95 -17.02 10.54
N VAL B 23 1.11 -16.42 9.69
CA VAL B 23 0.67 -17.09 8.48
C VAL B 23 1.87 -17.21 7.54
N THR B 24 2.10 -18.40 6.98
CA THR B 24 3.24 -18.61 6.10
C THR B 24 2.84 -18.28 4.68
N ILE B 25 3.84 -18.11 3.82
CA ILE B 25 3.52 -17.75 2.44
C ILE B 25 2.85 -18.91 1.74
N GLU B 26 3.17 -20.15 2.14
CA GLU B 26 2.52 -21.30 1.56
C GLU B 26 1.04 -21.31 1.92
N GLN B 27 0.70 -20.96 3.16
CA GLN B 27 -0.70 -20.89 3.56
C GLN B 27 -1.40 -19.73 2.87
N ALA B 28 -0.77 -18.56 2.85
CA ALA B 28 -1.32 -17.41 2.15
C ALA B 28 -1.64 -17.72 0.70
N GLU B 29 -0.71 -18.39 -0.01
CA GLU B 29 -0.97 -18.67 -1.42
C GLU B 29 -2.04 -19.75 -1.58
N LYS B 30 -2.08 -20.73 -0.68
CA LYS B 30 -3.15 -21.72 -0.71
C LYS B 30 -4.50 -21.06 -0.49
N ALA B 31 -4.57 -20.11 0.44
CA ALA B 31 -5.80 -19.36 0.64
C ALA B 31 -6.18 -18.57 -0.62
N ILE B 32 -5.22 -17.93 -1.26
CA ILE B 32 -5.53 -17.17 -2.46
C ILE B 32 -6.10 -18.08 -3.53
N GLN B 33 -5.50 -19.27 -3.71
CA GLN B 33 -6.00 -20.20 -4.70
C GLN B 33 -7.41 -20.65 -4.38
N ALA B 34 -7.71 -20.95 -3.11
CA ALA B 34 -9.07 -21.36 -2.74
C ALA B 34 -10.06 -20.23 -2.94
N ALA B 35 -9.64 -19.00 -2.63
CA ALA B 35 -10.46 -17.82 -2.91
C ALA B 35 -10.67 -17.60 -4.42
N ARG B 36 -9.60 -17.69 -5.22
CA ARG B 36 -9.74 -17.50 -6.66
C ARG B 36 -10.70 -18.54 -7.26
N ALA B 37 -10.59 -19.79 -6.81
CA ALA B 37 -11.49 -20.84 -7.27
C ALA B 37 -12.95 -20.49 -6.98
N LYS B 38 -13.23 -19.98 -5.78
CA LYS B 38 -14.59 -19.59 -5.45
C LYS B 38 -15.03 -18.41 -6.31
N ALA B 39 -14.16 -17.42 -6.48
CA ALA B 39 -14.48 -16.26 -7.29
C ALA B 39 -14.88 -16.64 -8.71
N VAL B 40 -14.12 -17.55 -9.33
CA VAL B 40 -14.41 -18.03 -10.68
C VAL B 40 -15.76 -18.75 -10.70
N GLU B 41 -15.99 -19.64 -9.74
CA GLU B 41 -17.28 -20.31 -9.61
C GLU B 41 -18.43 -19.30 -9.54
N LEU B 42 -18.32 -18.24 -8.73
CA LEU B 42 -19.34 -17.20 -8.68
C LEU B 42 -19.31 -16.23 -9.87
N GLY B 43 -18.35 -16.34 -10.77
CA GLY B 43 -18.36 -15.44 -11.92
C GLY B 43 -17.84 -14.06 -11.63
N THR B 44 -16.88 -13.96 -10.70
CA THR B 44 -16.37 -12.68 -10.22
C THR B 44 -14.89 -12.53 -10.54
N GLN B 45 -14.41 -11.28 -10.50
CA GLN B 45 -13.00 -10.94 -10.63
C GLN B 45 -12.61 -10.17 -9.38
N MET B 46 -11.73 -10.75 -8.58
CA MET B 46 -11.50 -10.27 -7.23
C MET B 46 -10.04 -9.85 -7.05
N CYS B 47 -9.86 -8.85 -6.18
CA CYS B 47 -8.59 -8.69 -5.49
C CYS B 47 -8.64 -9.44 -4.17
N ILE B 48 -7.54 -10.12 -3.86
CA ILE B 48 -7.42 -10.98 -2.69
C ILE B 48 -6.12 -10.63 -1.97
N ALA B 49 -6.22 -10.24 -0.69
CA ALA B 49 -5.07 -9.89 0.11
C ALA B 49 -4.97 -10.76 1.36
N ILE B 50 -3.73 -11.08 1.74
CA ILE B 50 -3.43 -11.75 3.00
C ILE B 50 -2.48 -10.86 3.79
N VAL B 51 -2.83 -10.58 5.05
CA VAL B 51 -1.94 -9.83 5.93
C VAL B 51 -1.60 -10.70 7.14
N ASP B 52 -0.46 -10.37 7.78
CA ASP B 52 -0.02 -11.07 8.98
C ASP B 52 -0.67 -10.45 10.21
N SER B 53 -0.31 -10.95 11.39
CA SER B 53 -0.98 -10.56 12.63
C SER B 53 -0.72 -9.10 12.98
N GLY B 54 0.32 -8.48 12.42
CA GLY B 54 0.61 -7.07 12.59
C GLY B 54 -0.04 -6.17 11.57
N GLY B 55 -0.79 -6.73 10.61
CA GLY B 55 -1.37 -5.95 9.55
C GLY B 55 -0.46 -5.74 8.37
N ASN B 56 0.70 -6.38 8.35
CA ASN B 56 1.64 -6.19 7.26
C ASN B 56 1.32 -7.13 6.11
N LEU B 57 1.40 -6.59 4.89
CA LEU B 57 1.05 -7.37 3.72
C LEU B 57 1.94 -8.61 3.58
N LYS B 58 1.31 -9.77 3.38
CA LYS B 58 1.99 -11.05 3.13
C LYS B 58 1.85 -11.53 1.69
N ALA B 59 0.68 -11.39 1.06
CA ALA B 59 0.48 -11.82 -0.32
C ALA B 59 -0.71 -11.07 -0.92
N PHE B 60 -0.67 -10.91 -2.23
CA PHE B 60 -1.74 -10.21 -2.91
C PHE B 60 -1.86 -10.79 -4.31
N HIS B 61 -3.11 -10.95 -4.76
CA HIS B 61 -3.48 -11.45 -6.09
C HIS B 61 -4.62 -10.59 -6.63
N ARG B 62 -4.41 -9.83 -7.73
CA ARG B 62 -5.48 -9.13 -8.45
C ARG B 62 -5.84 -9.94 -9.69
N MET B 63 -7.01 -10.58 -9.67
CA MET B 63 -7.49 -11.33 -10.84
C MET B 63 -7.63 -10.40 -12.03
N ASP B 64 -7.41 -10.95 -13.22
CA ASP B 64 -7.58 -10.15 -14.42
C ASP B 64 -9.00 -9.60 -14.48
N GLY B 65 -9.12 -8.33 -14.85
CA GLY B 65 -10.41 -7.69 -14.96
C GLY B 65 -10.95 -7.08 -13.69
N ALA B 66 -10.38 -7.40 -12.53
CA ALA B 66 -10.88 -6.88 -11.27
C ALA B 66 -10.81 -5.36 -11.28
N TRP B 67 -11.85 -4.72 -10.72
CA TRP B 67 -11.85 -3.27 -10.47
C TRP B 67 -10.58 -2.78 -9.79
N VAL B 68 -10.04 -1.67 -10.30
CA VAL B 68 -8.82 -1.11 -9.74
C VAL B 68 -9.03 -0.60 -8.30
N GLY B 69 -10.21 -0.08 -7.99
CA GLY B 69 -10.49 0.34 -6.63
C GLY B 69 -10.51 -0.78 -5.61
N SER B 70 -10.72 -2.04 -6.05
CA SER B 70 -10.73 -3.18 -5.16
C SER B 70 -9.34 -3.54 -4.66
N ILE B 71 -8.27 -3.01 -5.29
CA ILE B 71 -6.91 -3.28 -4.82
C ILE B 71 -6.74 -2.78 -3.40
N ASP B 72 -7.06 -1.51 -3.20
CA ASP B 72 -6.91 -0.90 -1.88
C ASP B 72 -7.94 -1.47 -0.90
N ILE B 73 -9.18 -1.65 -1.36
CA ILE B 73 -10.22 -2.12 -0.46
C ILE B 73 -9.91 -3.51 0.04
N ALA B 74 -9.38 -4.40 -0.81
CA ALA B 74 -9.07 -5.73 -0.32
C ALA B 74 -8.01 -5.68 0.78
N GLN B 75 -7.01 -4.83 0.61
CA GLN B 75 -5.95 -4.75 1.62
C GLN B 75 -6.47 -4.11 2.90
N LYS B 76 -7.31 -3.07 2.79
CA LYS B 76 -7.86 -2.47 4.00
C LYS B 76 -8.77 -3.44 4.74
N LYS B 77 -9.55 -4.26 4.01
CA LYS B 77 -10.40 -5.24 4.67
C LYS B 77 -9.57 -6.23 5.46
N ALA B 78 -8.49 -6.73 4.88
CA ALA B 78 -7.66 -7.70 5.58
C ALA B 78 -7.08 -7.08 6.83
N LYS B 79 -6.51 -5.89 6.68
CA LYS B 79 -5.99 -5.13 7.81
C LYS B 79 -7.06 -4.91 8.87
N THR B 80 -8.25 -4.50 8.44
CA THR B 80 -9.32 -4.23 9.41
C THR B 80 -9.66 -5.48 10.20
N ALA B 81 -9.78 -6.61 9.53
CA ALA B 81 -10.15 -7.85 10.21
C ALA B 81 -9.09 -8.26 11.25
N VAL B 82 -7.80 -8.20 10.89
CA VAL B 82 -6.78 -8.63 11.83
C VAL B 82 -6.62 -7.62 12.95
N PHE B 83 -6.88 -6.34 12.67
CA PHE B 83 -6.69 -5.31 13.69
C PHE B 83 -7.69 -5.45 14.82
N PHE B 84 -8.86 -6.07 14.57
CA PHE B 84 -9.84 -6.21 15.63
C PHE B 84 -10.35 -7.63 15.88
N GLY B 85 -9.81 -8.65 15.19
CA GLY B 85 -10.24 -10.03 15.46
C GLY B 85 -11.70 -10.28 15.14
N MET B 86 -12.21 -9.66 14.08
CA MET B 86 -13.61 -9.73 13.69
C MET B 86 -13.71 -9.72 12.18
N LYS B 87 -14.78 -10.31 11.65
CA LYS B 87 -15.15 -10.06 10.26
C LYS B 87 -15.53 -8.59 10.08
N THR B 88 -15.21 -8.04 8.90
CA THR B 88 -15.31 -6.59 8.74
C THR B 88 -16.76 -6.10 8.89
N GLY B 89 -17.72 -6.83 8.34
CA GLY B 89 -19.11 -6.41 8.45
C GLY B 89 -19.63 -6.42 9.88
N GLN B 90 -19.02 -7.22 10.74
CA GLN B 90 -19.39 -7.17 12.15
C GLN B 90 -19.03 -5.82 12.77
N ILE B 91 -17.95 -5.19 12.29
CA ILE B 91 -17.58 -3.86 12.77
C ILE B 91 -18.56 -2.82 12.25
N GLY B 92 -18.90 -2.92 10.97
CA GLY B 92 -19.83 -1.99 10.38
C GLY B 92 -21.21 -2.04 10.99
N ALA B 93 -21.57 -3.20 11.56
CA ALA B 93 -22.83 -3.33 12.31
C ALA B 93 -22.84 -2.45 13.56
N LEU B 94 -21.66 -2.07 14.03
CA LEU B 94 -21.50 -1.27 15.24
C LEU B 94 -21.09 0.16 14.95
N SER B 95 -20.82 0.51 13.69
CA SER B 95 -20.32 1.84 13.34
C SER B 95 -21.32 2.64 12.51
N GLN B 96 -22.58 2.21 12.46
CA GLN B 96 -23.61 3.04 11.86
C GLN B 96 -23.86 4.26 12.73
N PRO B 97 -24.48 5.30 12.19
CA PRO B 97 -24.95 6.40 13.05
C PRO B 97 -25.71 5.84 14.24
N GLY B 98 -25.38 6.35 15.42
CA GLY B 98 -25.93 5.88 16.67
C GLY B 98 -25.24 4.68 17.27
N GLY B 99 -24.30 4.07 16.55
CA GLY B 99 -23.64 2.87 17.05
C GLY B 99 -22.46 3.19 17.94
N SER B 100 -22.06 2.21 18.75
CA SER B 100 -21.02 2.44 19.74
C SER B 100 -19.67 2.76 19.09
N LEU B 101 -19.45 2.34 17.83
CA LEU B 101 -18.17 2.60 17.17
C LEU B 101 -18.28 3.59 16.02
N TYR B 102 -19.30 4.44 16.03
CA TYR B 102 -19.46 5.40 14.95
C TYR B 102 -18.17 6.19 14.76
N GLY B 103 -17.68 6.22 13.53
CA GLY B 103 -16.48 6.95 13.19
C GLY B 103 -15.19 6.18 13.26
N ILE B 104 -15.22 4.88 13.61
CA ILE B 104 -13.99 4.11 13.80
C ILE B 104 -13.19 4.03 12.51
N GLU B 105 -13.82 4.23 11.36
CA GLU B 105 -13.15 4.04 10.08
C GLU B 105 -12.08 5.09 9.82
N HIS B 106 -12.14 6.24 10.52
CA HIS B 106 -11.09 7.25 10.45
C HIS B 106 -9.79 6.81 11.09
N SER B 107 -9.80 5.76 11.89
CA SER B 107 -8.59 5.29 12.53
C SER B 107 -7.76 4.42 11.59
N ASN B 108 -6.51 4.18 12.02
CA ASN B 108 -5.64 3.16 11.42
C ASN B 108 -5.46 3.34 9.93
N GLN B 109 -5.37 4.59 9.51
CA GLN B 109 -5.21 4.97 8.11
C GLN B 109 -6.39 4.57 7.21
N GLY B 110 -7.58 4.39 7.77
CA GLY B 110 -8.73 4.07 6.95
C GLY B 110 -9.08 2.60 7.04
N LEU B 111 -10.21 2.28 7.66
CA LEU B 111 -10.72 0.91 7.77
C LEU B 111 -11.81 0.71 6.74
N ILE B 112 -12.13 -0.56 6.46
CA ILE B 112 -13.31 -0.92 5.68
C ILE B 112 -14.14 -1.85 6.54
N THR B 113 -15.42 -1.54 6.67
CA THR B 113 -16.27 -2.21 7.66
C THR B 113 -17.52 -2.81 7.01
N PHE B 114 -17.48 -3.07 5.72
CA PHE B 114 -18.46 -3.92 5.08
C PHE B 114 -17.80 -5.25 4.70
N PRO B 115 -18.61 -6.29 4.44
CA PRO B 115 -18.07 -7.66 4.39
C PRO B 115 -16.97 -7.85 3.36
N GLY B 116 -16.06 -8.77 3.69
CA GLY B 116 -15.04 -9.19 2.75
C GLY B 116 -13.68 -9.38 3.40
N GLY B 117 -13.59 -9.02 4.68
CA GLY B 117 -12.44 -9.32 5.50
C GLY B 117 -12.75 -10.33 6.60
N ILE B 118 -11.91 -11.35 6.74
CA ILE B 118 -12.09 -12.42 7.73
C ILE B 118 -10.76 -12.76 8.42
N PRO B 119 -10.74 -12.90 9.74
CA PRO B 119 -9.52 -13.42 10.41
C PRO B 119 -9.14 -14.83 9.97
N ILE B 120 -7.82 -15.08 9.95
CA ILE B 120 -7.26 -16.43 9.83
C ILE B 120 -6.85 -16.89 11.22
N VAL B 121 -7.40 -18.02 11.66
CA VAL B 121 -7.29 -18.48 13.04
C VAL B 121 -6.68 -19.88 13.03
N ASP B 122 -5.52 -20.03 13.68
CA ASP B 122 -4.80 -21.30 13.65
C ASP B 122 -5.47 -22.30 14.59
N ALA B 123 -4.93 -23.54 14.61
CA ALA B 123 -5.55 -24.62 15.37
C ALA B 123 -5.57 -24.35 16.87
N ASP B 124 -4.57 -23.64 17.40
CA ASP B 124 -4.57 -23.19 18.80
C ASP B 124 -5.65 -22.14 19.09
N GLY B 125 -6.35 -21.62 18.08
CA GLY B 125 -7.28 -20.52 18.28
C GLY B 125 -6.64 -19.15 18.29
N GLU B 126 -5.37 -19.07 17.94
CA GLU B 126 -4.69 -17.81 17.78
C GLU B 126 -4.91 -17.26 16.38
N MET B 127 -5.10 -15.95 16.28
CA MET B 127 -5.23 -15.30 14.99
C MET B 127 -3.85 -15.07 14.39
N SER B 128 -3.59 -15.66 13.22
CA SER B 128 -2.29 -15.56 12.58
C SER B 128 -2.27 -14.54 11.44
N GLY B 129 -3.41 -13.98 11.07
CA GLY B 129 -3.48 -13.09 9.92
C GLY B 129 -4.94 -12.86 9.54
N ALA B 130 -5.13 -12.41 8.31
CA ALA B 130 -6.48 -12.20 7.83
C ALA B 130 -6.47 -12.15 6.30
N ILE B 131 -7.61 -12.46 5.72
CA ILE B 131 -7.83 -12.32 4.28
C ILE B 131 -8.79 -11.16 4.03
N GLY B 132 -8.58 -10.47 2.91
CA GLY B 132 -9.48 -9.41 2.50
C GLY B 132 -9.79 -9.51 1.02
N VAL B 133 -11.06 -9.38 0.65
CA VAL B 133 -11.49 -9.59 -0.73
C VAL B 133 -12.40 -8.43 -1.17
N SER B 134 -12.22 -8.01 -2.41
CA SER B 134 -13.04 -6.94 -2.99
C SER B 134 -13.16 -7.16 -4.49
N GLY B 135 -14.28 -6.71 -5.07
CA GLY B 135 -14.44 -6.76 -6.51
C GLY B 135 -15.82 -7.07 -7.06
N SER B 136 -16.74 -7.46 -6.17
CA SER B 136 -18.09 -7.82 -6.55
C SER B 136 -19.01 -7.28 -5.47
N SER B 137 -20.22 -7.86 -5.36
CA SER B 137 -21.08 -7.53 -4.23
C SER B 137 -20.39 -7.93 -2.94
N VAL B 138 -20.77 -7.28 -1.83
CA VAL B 138 -20.13 -7.62 -0.56
C VAL B 138 -20.47 -9.06 -0.15
N GLU B 139 -21.60 -9.58 -0.62
CA GLU B 139 -21.93 -10.96 -0.32
C GLU B 139 -20.96 -11.92 -1.00
N ASN B 140 -20.63 -11.65 -2.26
CA ASN B 140 -19.68 -12.48 -2.97
C ASN B 140 -18.28 -12.30 -2.42
N ASP B 141 -17.92 -11.06 -2.07
CA ASP B 141 -16.64 -10.79 -1.41
C ASP B 141 -16.47 -11.66 -0.18
N ASP B 142 -17.51 -11.75 0.67
CA ASP B 142 -17.43 -12.52 1.90
C ASP B 142 -17.38 -14.03 1.62
N ALA B 143 -18.13 -14.51 0.60
CA ALA B 143 -18.06 -15.92 0.22
C ALA B 143 -16.67 -16.30 -0.28
N VAL B 144 -16.05 -15.43 -1.07
CA VAL B 144 -14.69 -15.67 -1.54
C VAL B 144 -13.71 -15.63 -0.38
N ALA B 145 -13.84 -14.61 0.48
CA ALA B 145 -12.98 -14.55 1.64
C ALA B 145 -13.09 -15.80 2.49
N LEU B 146 -14.32 -16.29 2.69
CA LEU B 146 -14.54 -17.47 3.53
C LEU B 146 -13.87 -18.71 2.94
N ALA B 147 -14.04 -18.93 1.65
CA ALA B 147 -13.40 -20.06 1.00
C ALA B 147 -11.90 -20.04 1.24
N GLY B 148 -11.26 -18.87 1.12
CA GLY B 148 -9.82 -18.80 1.26
C GLY B 148 -9.36 -19.03 2.68
N ALA B 149 -9.99 -18.36 3.65
CA ALA B 149 -9.60 -18.52 5.05
C ALA B 149 -9.89 -19.93 5.54
N SER B 150 -11.04 -20.48 5.14
CA SER B 150 -11.40 -21.86 5.49
C SER B 150 -10.36 -22.87 5.00
N ALA B 151 -9.68 -22.56 3.91
CA ALA B 151 -8.72 -23.50 3.33
C ALA B 151 -7.47 -23.69 4.19
N ILE B 152 -7.24 -22.82 5.17
CA ILE B 152 -6.03 -22.87 5.99
C ILE B 152 -6.29 -22.76 7.47
N GLY B 153 -7.54 -22.63 7.90
CA GLY B 153 -7.81 -22.64 9.31
C GLY B 153 -9.25 -22.35 9.63
N ASP B 154 -9.50 -22.07 10.90
CA ASP B 154 -10.78 -21.55 11.35
C ASP B 154 -10.86 -20.05 11.08
N THR B 155 -12.03 -19.50 11.30
CA THR B 155 -12.34 -18.14 10.92
C THR B 155 -12.90 -17.33 12.09
N GLU B 156 -13.15 -17.99 13.22
CA GLU B 156 -13.78 -17.42 14.41
C GLU B 156 -12.87 -17.67 15.60
N LEU B 157 -12.84 -16.69 16.51
CA LEU B 157 -11.97 -16.77 17.68
C LEU B 157 -12.68 -17.42 18.87
N MET C 21 8.60 -15.33 18.88
CA MET C 21 8.17 -14.64 20.09
C MET C 21 7.98 -13.13 19.83
N HIS C 22 7.07 -12.55 20.63
CA HIS C 22 6.81 -11.12 20.69
C HIS C 22 7.33 -10.57 22.02
N VAL C 23 7.84 -9.33 22.01
CA VAL C 23 8.19 -8.67 23.27
C VAL C 23 6.91 -8.47 24.08
N THR C 24 6.96 -8.79 25.36
CA THR C 24 5.83 -8.58 26.26
C THR C 24 5.89 -7.19 26.89
N ILE C 25 4.74 -6.78 27.44
CA ILE C 25 4.68 -5.45 28.01
C ILE C 25 5.56 -5.39 29.26
N GLU C 26 5.70 -6.53 29.94
CA GLU C 26 6.62 -6.62 31.06
C GLU C 26 8.06 -6.38 30.61
N GLN C 27 8.47 -7.00 29.51
CA GLN C 27 9.80 -6.79 28.97
C GLN C 27 9.98 -5.37 28.49
N ALA C 28 9.00 -4.87 27.73
CA ALA C 28 9.06 -3.51 27.23
C ALA C 28 9.26 -2.51 28.37
N GLU C 29 8.54 -2.67 29.48
CA GLU C 29 8.66 -1.70 30.57
C GLU C 29 9.97 -1.87 31.33
N LYS C 30 10.43 -3.11 31.51
CA LYS C 30 11.74 -3.33 32.09
C LYS C 30 12.82 -2.68 31.23
N ALA C 31 12.74 -2.86 29.91
CA ALA C 31 13.68 -2.18 29.00
C ALA C 31 13.56 -0.65 29.12
N ILE C 32 12.35 -0.15 29.28
CA ILE C 32 12.21 1.29 29.39
C ILE C 32 12.87 1.78 30.67
N GLN C 33 12.67 1.07 31.77
CA GLN C 33 13.26 1.49 33.04
C GLN C 33 14.79 1.46 33.01
N ALA C 34 15.38 0.44 32.37
CA ALA C 34 16.82 0.36 32.24
C ALA C 34 17.36 1.50 31.40
N ALA C 35 16.64 1.86 30.33
CA ALA C 35 17.01 3.00 29.52
C ALA C 35 16.93 4.31 30.32
N ARG C 36 15.81 4.55 31.00
CA ARG C 36 15.63 5.76 31.80
C ARG C 36 16.78 5.92 32.80
N ALA C 37 17.16 4.81 33.44
CA ALA C 37 18.26 4.82 34.40
C ALA C 37 19.56 5.24 33.74
N LYS C 38 19.86 4.70 32.53
CA LYS C 38 21.08 5.13 31.86
C LYS C 38 21.00 6.58 31.40
N ALA C 39 19.81 7.03 30.98
CA ALA C 39 19.66 8.40 30.54
C ALA C 39 19.94 9.36 31.69
N VAL C 40 19.46 9.01 32.88
CA VAL C 40 19.70 9.85 34.06
C VAL C 40 21.18 9.85 34.43
N GLU C 41 21.81 8.68 34.39
CA GLU C 41 23.25 8.60 34.63
C GLU C 41 24.01 9.54 33.70
N LEU C 42 23.62 9.60 32.43
CA LEU C 42 24.28 10.47 31.45
C LEU C 42 23.83 11.92 31.51
N GLY C 43 22.85 12.25 32.34
CA GLY C 43 22.33 13.61 32.36
C GLY C 43 21.48 13.98 31.16
N THR C 44 20.68 13.06 30.66
CA THR C 44 19.89 13.28 29.45
C THR C 44 18.40 13.10 29.76
N GLN C 45 17.56 13.69 28.90
CA GLN C 45 16.11 13.52 28.97
C GLN C 45 15.68 12.95 27.62
N MET C 46 15.21 11.70 27.64
CA MET C 46 15.01 10.92 26.44
C MET C 46 13.54 10.60 26.25
N CYS C 47 13.14 10.44 24.97
CA CYS C 47 12.00 9.61 24.60
C CYS C 47 12.46 8.20 24.31
N ILE C 48 11.70 7.23 24.83
CA ILE C 48 12.02 5.81 24.70
C ILE C 48 10.82 5.06 24.14
N ALA C 49 11.00 4.39 23.00
CA ALA C 49 9.94 3.61 22.35
C ALA C 49 10.32 2.14 22.19
N ILE C 50 9.31 1.27 22.37
CA ILE C 50 9.43 -0.18 22.15
C ILE C 50 8.36 -0.56 21.12
N VAL C 51 8.77 -1.20 20.02
CA VAL C 51 7.82 -1.71 19.02
C VAL C 51 7.97 -3.22 18.95
N ASP C 52 6.90 -3.89 18.48
CA ASP C 52 6.91 -5.35 18.36
C ASP C 52 7.54 -5.70 17.01
N SER C 53 7.50 -6.98 16.66
CA SER C 53 8.20 -7.45 15.47
C SER C 53 7.52 -6.99 14.20
N GLY C 54 6.29 -6.48 14.28
CA GLY C 54 5.61 -5.89 13.16
C GLY C 54 5.80 -4.39 13.00
N GLY C 55 6.52 -3.74 13.93
CA GLY C 55 6.64 -2.30 13.91
C GLY C 55 5.52 -1.59 14.62
N ASN C 56 4.63 -2.31 15.28
CA ASN C 56 3.53 -1.68 15.99
C ASN C 56 3.94 -1.32 17.41
N LEU C 57 3.51 -0.13 17.85
CA LEU C 57 3.96 0.38 19.12
C LEU C 57 3.51 -0.55 20.26
N LYS C 58 4.45 -0.84 21.16
CA LYS C 58 4.19 -1.64 22.36
C LYS C 58 4.25 -0.81 23.64
N ALA C 59 5.18 0.15 23.74
CA ALA C 59 5.31 0.98 24.93
C ALA C 59 6.08 2.24 24.56
N PHE C 60 5.82 3.31 25.32
CA PHE C 60 6.47 4.60 25.08
C PHE C 60 6.55 5.38 26.39
N HIS C 61 7.68 6.06 26.57
CA HIS C 61 8.00 6.84 27.76
C HIS C 61 8.72 8.12 27.33
N ARG C 62 8.09 9.29 27.51
CA ARG C 62 8.76 10.58 27.34
C ARG C 62 9.21 11.12 28.71
N MET C 63 10.51 11.11 28.96
CA MET C 63 11.05 11.70 30.19
C MET C 63 10.72 13.17 30.26
N ASP C 64 10.53 13.67 31.48
CA ASP C 64 10.25 15.09 31.68
C ASP C 64 11.39 15.93 31.11
N GLY C 65 11.04 16.95 30.34
CA GLY C 65 12.04 17.81 29.72
C GLY C 65 12.60 17.32 28.40
N ALA C 66 12.24 16.12 27.93
CA ALA C 66 12.73 15.66 26.63
C ALA C 66 12.17 16.53 25.51
N TRP C 67 13.03 16.84 24.53
CA TRP C 67 12.61 17.57 23.33
C TRP C 67 11.34 16.97 22.70
N VAL C 68 10.42 17.83 22.31
CA VAL C 68 9.18 17.32 21.72
C VAL C 68 9.44 16.60 20.41
N GLY C 69 10.42 17.06 19.62
CA GLY C 69 10.73 16.40 18.36
C GLY C 69 11.25 14.98 18.51
N SER C 70 11.72 14.64 19.71
CA SER C 70 12.24 13.31 19.99
C SER C 70 11.14 12.27 20.12
N ILE C 71 9.89 12.70 20.31
CA ILE C 71 8.78 11.75 20.41
C ILE C 71 8.66 10.93 19.13
N ASP C 72 8.59 11.61 17.98
CA ASP C 72 8.43 10.91 16.70
C ASP C 72 9.71 10.17 16.32
N ILE C 73 10.86 10.77 16.60
CA ILE C 73 12.13 10.16 16.22
C ILE C 73 12.36 8.86 16.97
N ALA C 74 12.12 8.84 18.28
CA ALA C 74 12.30 7.60 19.01
C ALA C 74 11.42 6.50 18.41
N GLN C 75 10.17 6.81 18.09
CA GLN C 75 9.31 5.77 17.54
C GLN C 75 9.80 5.34 16.15
N LYS C 76 10.18 6.29 15.30
CA LYS C 76 10.67 5.92 13.97
C LYS C 76 11.98 5.13 14.08
N LYS C 77 12.81 5.42 15.08
CA LYS C 77 14.04 4.64 15.24
C LYS C 77 13.74 3.19 15.60
N ALA C 78 12.78 2.96 16.49
CA ALA C 78 12.45 1.58 16.84
C ALA C 78 11.87 0.86 15.63
N LYS C 79 10.98 1.54 14.92
CA LYS C 79 10.39 0.97 13.72
C LYS C 79 11.44 0.62 12.70
N THR C 80 12.40 1.53 12.49
CA THR C 80 13.43 1.30 11.50
C THR C 80 14.27 0.09 11.85
N ALA C 81 14.65 -0.03 13.13
CA ALA C 81 15.49 -1.15 13.56
C ALA C 81 14.79 -2.49 13.36
N VAL C 82 13.53 -2.58 13.78
CA VAL C 82 12.82 -3.85 13.65
C VAL C 82 12.52 -4.13 12.18
N PHE C 83 12.32 -3.09 11.37
CA PHE C 83 11.97 -3.30 9.99
C PHE C 83 13.09 -3.93 9.18
N PHE C 84 14.35 -3.79 9.60
CA PHE C 84 15.49 -4.29 8.85
C PHE C 84 16.45 -5.15 9.68
N GLY C 85 16.19 -5.33 10.97
CA GLY C 85 17.04 -6.19 11.76
C GLY C 85 18.44 -5.67 11.95
N MET C 86 18.58 -4.36 12.08
CA MET C 86 19.85 -3.69 12.18
C MET C 86 19.73 -2.56 13.16
N LYS C 87 20.85 -2.13 13.72
CA LYS C 87 20.88 -0.85 14.40
C LYS C 87 20.75 0.26 13.36
N THR C 88 20.02 1.31 13.72
CA THR C 88 19.66 2.34 12.74
C THR C 88 20.89 2.98 12.07
N GLY C 89 21.93 3.27 12.85
CA GLY C 89 23.10 3.91 12.26
C GLY C 89 23.80 3.06 11.23
N GLN C 90 23.67 1.73 11.35
CA GLN C 90 24.20 0.83 10.31
C GLN C 90 23.52 1.08 8.96
N ILE C 91 22.25 1.48 8.97
CA ILE C 91 21.57 1.85 7.73
C ILE C 91 22.07 3.18 7.18
N GLY C 92 22.24 4.19 8.05
CA GLY C 92 22.76 5.47 7.60
C GLY C 92 24.15 5.38 7.04
N ALA C 93 24.96 4.44 7.53
CA ALA C 93 26.28 4.20 6.93
C ALA C 93 26.16 3.81 5.46
N LEU C 94 25.00 3.24 5.08
CA LEU C 94 24.75 2.73 3.74
C LEU C 94 23.91 3.67 2.89
N SER C 95 23.33 4.73 3.47
CA SER C 95 22.39 5.59 2.77
C SER C 95 22.94 7.00 2.55
N GLN C 96 24.24 7.17 2.65
CA GLN C 96 24.85 8.44 2.30
C GLN C 96 24.77 8.60 0.78
N PRO C 97 24.86 9.83 0.29
CA PRO C 97 25.06 10.02 -1.15
C PRO C 97 26.14 9.07 -1.63
N GLY C 98 25.85 8.38 -2.72
CA GLY C 98 26.76 7.39 -3.26
C GLY C 98 26.58 6.02 -2.68
N GLY C 99 25.76 5.88 -1.66
CA GLY C 99 25.63 4.60 -0.98
C GLY C 99 24.58 3.71 -1.61
N SER C 100 24.69 2.41 -1.30
CA SER C 100 23.80 1.44 -1.95
C SER C 100 22.33 1.67 -1.57
N LEU C 101 22.05 2.23 -0.39
CA LEU C 101 20.69 2.48 0.07
C LEU C 101 20.30 3.95 0.07
N TYR C 102 20.96 4.76 -0.75
CA TYR C 102 20.64 6.18 -0.79
C TYR C 102 19.16 6.40 -1.05
N GLY C 103 18.51 7.17 -0.18
CA GLY C 103 17.10 7.49 -0.30
C GLY C 103 16.15 6.54 0.40
N ILE C 104 16.68 5.52 1.11
CA ILE C 104 15.82 4.52 1.73
C ILE C 104 14.88 5.17 2.74
N GLU C 105 15.27 6.31 3.29
CA GLU C 105 14.50 6.96 4.35
C GLU C 105 13.11 7.42 3.89
N HIS C 106 12.91 7.59 2.58
CA HIS C 106 11.60 7.91 2.02
C HIS C 106 10.60 6.78 2.15
N SER C 107 11.06 5.56 2.42
CA SER C 107 10.15 4.44 2.47
C SER C 107 9.53 4.33 3.85
N ASN C 108 8.48 3.51 3.92
CA ASN C 108 7.90 3.05 5.19
C ASN C 108 7.45 4.20 6.06
N GLN C 109 6.94 5.24 5.42
CA GLN C 109 6.47 6.45 6.11
C GLN C 109 7.56 7.19 6.84
N GLY C 110 8.83 7.00 6.48
CA GLY C 110 9.90 7.78 7.06
C GLY C 110 10.69 6.94 8.03
N LEU C 111 11.96 6.71 7.71
CA LEU C 111 12.88 6.00 8.60
C LEU C 111 13.78 7.01 9.27
N ILE C 112 14.45 6.57 10.33
CA ILE C 112 15.56 7.32 10.91
C ILE C 112 16.76 6.41 10.91
N THR C 113 17.88 6.92 10.39
CA THR C 113 19.01 6.08 10.08
C THR C 113 20.29 6.56 10.76
N PHE C 114 20.18 7.38 11.80
CA PHE C 114 21.26 7.66 12.72
C PHE C 114 21.02 6.92 14.03
N PRO C 115 22.05 6.80 14.88
CA PRO C 115 22.01 5.86 16.01
C PRO C 115 20.90 6.14 17.03
N GLY C 116 20.41 5.06 17.63
CA GLY C 116 19.39 5.14 18.65
C GLY C 116 18.30 4.09 18.58
N GLY C 117 18.25 3.36 17.46
CA GLY C 117 17.36 2.23 17.29
C GLY C 117 18.16 0.93 17.33
N ILE C 118 17.75 0.02 18.20
CA ILE C 118 18.40 -1.29 18.30
C ILE C 118 17.39 -2.43 18.34
N PRO C 119 17.60 -3.52 17.58
CA PRO C 119 16.71 -4.69 17.70
C PRO C 119 16.76 -5.32 19.08
N ILE C 120 15.63 -5.91 19.47
CA ILE C 120 15.54 -6.78 20.65
C ILE C 120 15.53 -8.22 20.14
N VAL C 121 16.43 -9.03 20.66
CA VAL C 121 16.65 -10.38 20.14
C VAL C 121 16.53 -11.37 21.29
N ASP C 122 15.57 -12.29 21.16
CA ASP C 122 15.31 -13.24 22.25
C ASP C 122 16.42 -14.28 22.30
N ALA C 123 16.27 -15.26 23.19
CA ALA C 123 17.30 -16.28 23.37
C ALA C 123 17.44 -17.18 22.12
N ASP C 124 16.33 -17.46 21.44
CA ASP C 124 16.38 -18.27 20.22
C ASP C 124 17.00 -17.53 19.04
N GLY C 125 17.51 -16.32 19.26
CA GLY C 125 18.08 -15.52 18.20
C GLY C 125 17.06 -14.84 17.32
N GLU C 126 15.78 -14.95 17.67
CA GLU C 126 14.72 -14.29 16.92
C GLU C 126 14.54 -12.86 17.41
N MET C 127 14.35 -11.95 16.45
CA MET C 127 14.00 -10.58 16.74
C MET C 127 12.53 -10.50 17.14
N SER C 128 12.26 -10.01 18.36
CA SER C 128 10.92 -9.90 18.92
C SER C 128 10.40 -8.47 18.95
N GLY C 129 11.21 -7.50 18.54
CA GLY C 129 10.83 -6.10 18.60
C GLY C 129 12.07 -5.24 18.49
N ALA C 130 11.93 -3.99 18.93
CA ALA C 130 13.05 -3.07 18.87
C ALA C 130 12.81 -1.93 19.84
N ILE C 131 13.92 -1.33 20.26
CA ILE C 131 13.89 -0.12 21.08
C ILE C 131 14.37 1.07 20.24
N GLY C 132 13.82 2.25 20.54
CA GLY C 132 14.27 3.47 19.89
C GLY C 132 14.35 4.61 20.88
N VAL C 133 15.42 5.41 20.78
CA VAL C 133 15.74 6.46 21.76
C VAL C 133 16.15 7.73 21.05
N SER C 134 15.64 8.87 21.55
CA SER C 134 15.96 10.20 21.02
C SER C 134 15.89 11.22 22.16
N GLY C 135 16.80 12.19 22.14
CA GLY C 135 16.72 13.29 23.07
C GLY C 135 18.06 13.95 23.37
N SER C 136 19.16 13.33 22.92
CA SER C 136 20.48 13.88 23.22
C SER C 136 21.35 13.69 21.98
N SER C 137 22.66 13.58 22.15
CA SER C 137 23.54 13.22 21.04
C SER C 137 23.22 11.80 20.57
N VAL C 138 23.54 11.51 19.32
CA VAL C 138 23.25 10.17 18.82
C VAL C 138 24.05 9.13 19.57
N GLU C 139 25.19 9.53 20.15
CA GLU C 139 25.98 8.61 20.94
C GLU C 139 25.31 8.27 22.26
N ASN C 140 24.75 9.27 22.94
CA ASN C 140 23.98 9.03 24.15
C ASN C 140 22.69 8.28 23.83
N ASP C 141 22.04 8.62 22.71
CA ASP C 141 20.86 7.88 22.27
C ASP C 141 21.15 6.39 22.17
N ASP C 142 22.28 6.05 21.54
CA ASP C 142 22.63 4.65 21.34
C ASP C 142 23.02 3.96 22.66
N ALA C 143 23.69 4.68 23.56
CA ALA C 143 24.06 4.10 24.85
C ALA C 143 22.83 3.83 25.71
N VAL C 144 21.84 4.70 25.66
CA VAL C 144 20.60 4.49 26.39
C VAL C 144 19.81 3.34 25.78
N ALA C 145 19.71 3.30 24.43
CA ALA C 145 19.03 2.19 23.76
C ALA C 145 19.66 0.85 24.12
N LEU C 146 21.00 0.77 24.09
CA LEU C 146 21.71 -0.46 24.42
C LEU C 146 21.42 -0.92 25.83
N ALA C 147 21.44 0.03 26.77
CA ALA C 147 21.11 -0.29 28.16
C ALA C 147 19.74 -0.91 28.24
N GLY C 148 18.79 -0.38 27.47
CA GLY C 148 17.43 -0.85 27.55
C GLY C 148 17.25 -2.20 26.88
N ALA C 149 17.82 -2.36 25.70
CA ALA C 149 17.70 -3.64 25.01
C ALA C 149 18.45 -4.75 25.77
N SER C 150 19.66 -4.44 26.22
CA SER C 150 20.45 -5.42 26.97
C SER C 150 19.70 -5.98 28.17
N ALA C 151 18.80 -5.20 28.74
CA ALA C 151 18.14 -5.66 29.96
C ALA C 151 17.21 -6.82 29.72
N ILE C 152 16.77 -7.04 28.47
CA ILE C 152 15.75 -8.03 28.18
C ILE C 152 16.16 -9.01 27.09
N GLY C 153 17.36 -8.86 26.52
CA GLY C 153 17.84 -9.85 25.58
C GLY C 153 19.14 -9.42 24.93
N ASP C 154 19.47 -10.09 23.82
CA ASP C 154 20.59 -9.73 22.96
C ASP C 154 20.16 -8.68 21.93
N THR C 155 21.16 -8.04 21.34
CA THR C 155 20.94 -6.88 20.48
C THR C 155 21.45 -7.09 19.06
N GLU C 156 21.97 -8.29 18.75
CA GLU C 156 22.54 -8.61 17.46
C GLU C 156 21.88 -9.89 16.98
N LEU C 157 21.69 -9.98 15.66
CA LEU C 157 21.18 -11.21 15.05
C LEU C 157 22.33 -12.14 14.66
N MET D 21 -7.64 -0.69 -24.54
CA MET D 21 -7.40 0.61 -25.15
C MET D 21 -7.39 1.73 -24.11
N HIS D 22 -6.45 2.66 -24.26
CA HIS D 22 -6.31 3.81 -23.37
C HIS D 22 -6.85 5.06 -24.04
N VAL D 23 -7.59 5.86 -23.29
CA VAL D 23 -8.09 7.12 -23.83
C VAL D 23 -6.89 7.94 -24.29
N THR D 24 -6.95 8.48 -25.51
CA THR D 24 -5.87 9.30 -26.02
C THR D 24 -6.04 10.74 -25.56
N ILE D 25 -4.99 11.54 -25.72
CA ILE D 25 -5.11 12.96 -25.39
C ILE D 25 -6.03 13.68 -26.38
N GLU D 26 -6.06 13.23 -27.64
CA GLU D 26 -6.98 13.79 -28.60
C GLU D 26 -8.42 13.57 -28.17
N GLN D 27 -8.73 12.35 -27.72
CA GLN D 27 -10.06 12.01 -27.20
C GLN D 27 -10.35 12.75 -25.90
N ALA D 28 -9.37 12.80 -25.01
CA ALA D 28 -9.55 13.54 -23.77
C ALA D 28 -9.86 15.01 -24.01
N GLU D 29 -9.13 15.65 -24.94
CA GLU D 29 -9.38 17.07 -25.15
C GLU D 29 -10.72 17.30 -25.87
N LYS D 30 -11.14 16.37 -26.73
CA LYS D 30 -12.46 16.46 -27.35
C LYS D 30 -13.57 16.31 -26.31
N ALA D 31 -13.40 15.39 -25.36
CA ALA D 31 -14.36 15.29 -24.27
C ALA D 31 -14.41 16.58 -23.45
N ILE D 32 -13.27 17.21 -23.18
CA ILE D 32 -13.30 18.43 -22.38
C ILE D 32 -14.00 19.54 -23.16
N GLN D 33 -13.76 19.63 -24.46
CA GLN D 33 -14.43 20.68 -25.22
C GLN D 33 -15.95 20.45 -25.27
N ALA D 34 -16.38 19.19 -25.39
CA ALA D 34 -17.83 18.91 -25.39
C ALA D 34 -18.44 19.21 -24.02
N ALA D 35 -17.70 18.89 -22.97
CA ALA D 35 -18.15 19.19 -21.61
C ALA D 35 -18.19 20.67 -21.38
N ARG D 36 -17.13 21.39 -21.76
CA ARG D 36 -17.10 22.85 -21.63
C ARG D 36 -18.28 23.51 -22.35
N ALA D 37 -18.59 23.04 -23.55
CA ALA D 37 -19.71 23.63 -24.30
C ALA D 37 -21.05 23.43 -23.60
N LYS D 38 -21.25 22.25 -23.01
CA LYS D 38 -22.48 22.01 -22.26
C LYS D 38 -22.53 22.90 -21.03
N ALA D 39 -21.41 23.01 -20.31
CA ALA D 39 -21.38 23.79 -19.09
C ALA D 39 -21.79 25.24 -19.35
N VAL D 40 -21.27 25.83 -20.43
CA VAL D 40 -21.63 27.19 -20.84
C VAL D 40 -23.12 27.28 -21.14
N GLU D 41 -23.62 26.37 -21.99
CA GLU D 41 -25.04 26.27 -22.29
C GLU D 41 -25.90 26.29 -21.03
N LEU D 42 -25.41 25.63 -19.97
CA LEU D 42 -26.10 25.58 -18.68
C LEU D 42 -25.74 26.74 -17.74
N GLY D 43 -24.82 27.60 -18.11
CA GLY D 43 -24.50 28.76 -17.28
C GLY D 43 -23.64 28.41 -16.09
N THR D 44 -22.74 27.45 -16.24
CA THR D 44 -21.92 26.95 -15.17
C THR D 44 -20.45 27.15 -15.49
N GLN D 45 -19.64 27.13 -14.44
CA GLN D 45 -18.19 27.14 -14.55
C GLN D 45 -17.67 25.87 -13.88
N MET D 46 -17.03 25.02 -14.66
CA MET D 46 -16.74 23.66 -14.22
C MET D 46 -15.26 23.38 -14.25
N CYS D 47 -14.84 22.49 -13.35
CA CYS D 47 -13.60 21.74 -13.53
C CYS D 47 -13.92 20.40 -14.17
N ILE D 48 -13.11 20.03 -15.15
CA ILE D 48 -13.32 18.82 -15.98
C ILE D 48 -12.01 18.05 -15.96
N ALA D 49 -12.06 16.81 -15.45
CA ALA D 49 -10.92 15.89 -15.44
C ALA D 49 -11.16 14.66 -16.33
N ILE D 50 -10.11 14.20 -16.97
CA ILE D 50 -10.08 12.90 -17.65
C ILE D 50 -8.95 12.06 -17.03
N VAL D 51 -9.26 10.85 -16.58
CA VAL D 51 -8.23 9.91 -16.13
C VAL D 51 -8.20 8.69 -17.03
N ASP D 52 -7.08 7.96 -16.98
CA ASP D 52 -6.91 6.73 -17.78
C ASP D 52 -7.46 5.54 -16.99
N SER D 53 -7.28 4.33 -17.52
CA SER D 53 -7.91 3.16 -16.92
C SER D 53 -7.27 2.79 -15.58
N GLY D 54 -6.08 3.33 -15.29
CA GLY D 54 -5.45 3.17 -14.00
C GLY D 54 -5.77 4.24 -12.98
N GLY D 55 -6.62 5.21 -13.32
CA GLY D 55 -6.85 6.35 -12.46
C GLY D 55 -5.85 7.48 -12.58
N ASN D 56 -4.89 7.40 -13.51
CA ASN D 56 -3.87 8.43 -13.63
C ASN D 56 -4.37 9.55 -14.53
N LEU D 57 -4.05 10.78 -14.13
CA LEU D 57 -4.59 11.95 -14.80
C LEU D 57 -4.10 12.01 -16.23
N LYS D 58 -5.04 12.26 -17.15
CA LYS D 58 -4.72 12.40 -18.55
C LYS D 58 -4.86 13.85 -19.03
N ALA D 59 -5.91 14.54 -18.57
CA ALA D 59 -6.16 15.93 -18.95
C ALA D 59 -7.01 16.60 -17.87
N PHE D 60 -6.89 17.91 -17.76
CA PHE D 60 -7.67 18.69 -16.83
C PHE D 60 -7.88 20.08 -17.41
N HIS D 61 -9.08 20.62 -17.21
CA HIS D 61 -9.49 21.96 -17.63
C HIS D 61 -10.29 22.58 -16.49
N ARG D 62 -9.80 23.70 -15.88
CA ARG D 62 -10.59 24.49 -14.93
C ARG D 62 -11.14 25.72 -15.65
N MET D 63 -12.44 25.74 -15.89
CA MET D 63 -13.06 26.91 -16.50
C MET D 63 -12.84 28.15 -15.64
N ASP D 64 -12.65 29.30 -16.31
CA ASP D 64 -12.60 30.57 -15.61
C ASP D 64 -13.82 30.71 -14.69
N GLY D 65 -13.57 31.05 -13.42
CA GLY D 65 -14.62 31.25 -12.45
C GLY D 65 -15.09 30.03 -11.71
N ALA D 66 -14.54 28.84 -11.99
CA ALA D 66 -14.95 27.65 -11.28
C ALA D 66 -14.44 27.64 -9.84
N TRP D 67 -15.24 27.07 -8.93
CA TRP D 67 -14.86 26.96 -7.53
C TRP D 67 -13.53 26.23 -7.37
N VAL D 68 -12.65 26.77 -6.51
CA VAL D 68 -11.34 26.14 -6.33
C VAL D 68 -11.50 24.72 -5.78
N GLY D 69 -12.52 24.51 -4.96
CA GLY D 69 -12.74 23.18 -4.39
C GLY D 69 -13.12 22.14 -5.40
N SER D 70 -13.67 22.55 -6.54
CA SER D 70 -14.07 21.65 -7.59
C SER D 70 -12.86 21.02 -8.31
N ILE D 71 -11.65 21.56 -8.10
CA ILE D 71 -10.47 21.01 -8.78
C ILE D 71 -10.23 19.60 -8.32
N ASP D 72 -10.17 19.43 -7.01
CA ASP D 72 -9.94 18.11 -6.43
C ASP D 72 -11.16 17.22 -6.63
N ILE D 73 -12.36 17.79 -6.50
CA ILE D 73 -13.55 16.96 -6.60
C ILE D 73 -13.68 16.39 -8.00
N ALA D 74 -13.41 17.18 -9.03
CA ALA D 74 -13.56 16.67 -10.38
C ALA D 74 -12.58 15.52 -10.62
N GLN D 75 -11.37 15.61 -10.08
CA GLN D 75 -10.39 14.55 -10.29
C GLN D 75 -10.78 13.32 -9.48
N LYS D 76 -11.26 13.49 -8.24
CA LYS D 76 -11.68 12.34 -7.45
C LYS D 76 -12.89 11.64 -8.06
N LYS D 77 -13.79 12.39 -8.72
CA LYS D 77 -14.93 11.75 -9.38
C LYS D 77 -14.44 10.91 -10.56
N ALA D 78 -13.54 11.46 -11.38
CA ALA D 78 -13.03 10.71 -12.52
C ALA D 78 -12.39 9.41 -12.04
N LYS D 79 -11.54 9.52 -11.02
CA LYS D 79 -10.87 8.36 -10.43
C LYS D 79 -11.87 7.36 -9.87
N THR D 80 -12.88 7.84 -9.15
CA THR D 80 -13.89 6.95 -8.57
C THR D 80 -14.62 6.17 -9.66
N ALA D 81 -15.06 6.86 -10.69
CA ALA D 81 -15.79 6.22 -11.78
C ALA D 81 -14.95 5.11 -12.43
N VAL D 82 -13.67 5.37 -12.70
CA VAL D 82 -12.83 4.36 -13.36
C VAL D 82 -12.41 3.26 -12.40
N PHE D 83 -12.34 3.55 -11.09
CA PHE D 83 -11.95 2.51 -10.14
C PHE D 83 -13.01 1.45 -9.99
N PHE D 84 -14.27 1.79 -10.24
CA PHE D 84 -15.34 0.83 -10.02
C PHE D 84 -16.24 0.60 -11.24
N GLY D 85 -15.94 1.20 -12.39
CA GLY D 85 -16.72 0.94 -13.60
C GLY D 85 -18.17 1.36 -13.49
N MET D 86 -18.45 2.43 -12.74
CA MET D 86 -19.79 2.89 -12.41
C MET D 86 -19.83 4.42 -12.42
N LYS D 87 -21.00 4.99 -12.68
CA LYS D 87 -21.20 6.41 -12.43
C LYS D 87 -21.15 6.68 -10.93
N THR D 88 -20.63 7.86 -10.55
CA THR D 88 -20.24 8.06 -9.16
C THR D 88 -21.45 7.99 -8.22
N GLY D 89 -22.58 8.53 -8.65
CA GLY D 89 -23.79 8.52 -7.85
C GLY D 89 -24.37 7.16 -7.62
N GLN D 90 -24.08 6.20 -8.52
CA GLN D 90 -24.50 4.81 -8.33
C GLN D 90 -23.81 4.19 -7.12
N ILE D 91 -22.59 4.64 -6.79
CA ILE D 91 -21.93 4.19 -5.57
C ILE D 91 -22.53 4.86 -4.35
N GLY D 92 -22.78 6.17 -4.41
CA GLY D 92 -23.42 6.84 -3.30
C GLY D 92 -24.76 6.24 -2.95
N ALA D 93 -25.49 5.72 -3.94
CA ALA D 93 -26.76 5.06 -3.65
C ALA D 93 -26.59 3.84 -2.77
N LEU D 94 -25.39 3.26 -2.73
CA LEU D 94 -25.07 2.07 -1.96
C LEU D 94 -24.28 2.36 -0.70
N SER D 95 -23.81 3.60 -0.51
CA SER D 95 -22.89 3.92 0.58
C SER D 95 -23.58 4.76 1.66
N GLN D 96 -24.90 4.81 1.66
CA GLN D 96 -25.63 5.49 2.72
C GLN D 96 -25.56 4.65 4.01
N PRO D 97 -25.80 5.28 5.15
CA PRO D 97 -26.02 4.51 6.38
C PRO D 97 -26.98 3.37 6.11
N GLY D 98 -26.59 2.18 6.54
CA GLY D 98 -27.34 0.97 6.24
C GLY D 98 -27.05 0.38 4.88
N GLY D 99 -26.29 1.08 4.03
CA GLY D 99 -26.01 0.57 2.71
C GLY D 99 -24.86 -0.42 2.70
N SER D 100 -24.83 -1.24 1.64
CA SER D 100 -23.83 -2.31 1.62
C SER D 100 -22.42 -1.77 1.52
N LEU D 101 -22.23 -0.54 1.03
CA LEU D 101 -20.91 0.05 0.82
C LEU D 101 -20.64 1.22 1.76
N TYR D 102 -21.35 1.27 2.88
CA TYR D 102 -21.15 2.33 3.84
C TYR D 102 -19.68 2.40 4.24
N GLY D 103 -19.11 3.60 4.08
CA GLY D 103 -17.73 3.84 4.45
C GLY D 103 -16.73 3.74 3.29
N ILE D 104 -17.18 3.44 2.07
CA ILE D 104 -16.26 3.14 0.97
C ILE D 104 -15.44 4.35 0.58
N GLU D 105 -15.94 5.57 0.85
CA GLU D 105 -15.24 6.80 0.49
C GLU D 105 -13.91 6.96 1.21
N HIS D 106 -13.70 6.25 2.33
CA HIS D 106 -12.40 6.30 3.01
C HIS D 106 -11.28 5.65 2.20
N SER D 107 -11.61 4.81 1.23
CA SER D 107 -10.61 4.06 0.48
C SER D 107 -10.01 4.90 -0.65
N ASN D 108 -8.89 4.40 -1.20
CA ASN D 108 -8.34 4.92 -2.45
C ASN D 108 -8.03 6.42 -2.36
N GLN D 109 -7.60 6.86 -1.18
CA GLN D 109 -7.24 8.25 -0.93
C GLN D 109 -8.42 9.20 -0.99
N GLY D 110 -9.62 8.68 -0.91
CA GLY D 110 -10.81 9.51 -0.96
C GLY D 110 -11.55 9.41 -2.26
N LEU D 111 -12.78 8.94 -2.17
CA LEU D 111 -13.67 8.87 -3.32
C LEU D 111 -14.71 9.97 -3.22
N ILE D 112 -15.37 10.24 -4.34
CA ILE D 112 -16.55 11.09 -4.39
C ILE D 112 -17.68 10.27 -5.00
N THR D 113 -18.80 10.20 -4.32
CA THR D 113 -19.85 9.26 -4.71
C THR D 113 -21.17 9.96 -4.95
N PHE D 114 -21.14 11.27 -5.20
CA PHE D 114 -22.30 11.93 -5.76
C PHE D 114 -22.04 12.22 -7.23
N PRO D 115 -23.08 12.49 -8.02
CA PRO D 115 -22.93 12.47 -9.48
C PRO D 115 -21.90 13.46 -10.01
N GLY D 116 -21.32 13.10 -11.15
CA GLY D 116 -20.40 13.95 -11.88
C GLY D 116 -19.24 13.21 -12.50
N GLY D 117 -19.12 11.93 -12.15
CA GLY D 117 -18.13 11.06 -12.73
C GLY D 117 -18.76 9.92 -13.54
N ILE D 118 -18.24 9.73 -14.74
CA ILE D 118 -18.79 8.73 -15.68
C ILE D 118 -17.65 7.97 -16.35
N PRO D 119 -17.73 6.63 -16.48
CA PRO D 119 -16.75 5.90 -17.29
C PRO D 119 -16.80 6.24 -18.79
N ILE D 120 -15.62 6.22 -19.41
CA ILE D 120 -15.47 6.29 -20.86
C ILE D 120 -15.30 4.87 -21.36
N VAL D 121 -16.19 4.45 -22.27
CA VAL D 121 -16.30 3.06 -22.70
C VAL D 121 -16.07 3.00 -24.20
N ASP D 122 -15.08 2.21 -24.62
CA ASP D 122 -14.72 2.17 -26.03
C ASP D 122 -15.69 1.29 -26.81
N ALA D 123 -15.53 1.26 -28.13
CA ALA D 123 -16.50 0.56 -28.97
C ALA D 123 -16.56 -0.93 -28.64
N ASP D 124 -15.43 -1.56 -28.28
CA ASP D 124 -15.44 -2.93 -27.79
C ASP D 124 -16.27 -3.11 -26.53
N GLY D 125 -16.61 -2.04 -25.81
CA GLY D 125 -17.23 -2.17 -24.51
C GLY D 125 -16.24 -2.27 -23.37
N GLU D 126 -14.97 -1.93 -23.62
CA GLU D 126 -13.94 -1.85 -22.60
C GLU D 126 -13.84 -0.42 -22.07
N MET D 127 -13.68 -0.28 -20.74
CA MET D 127 -13.51 1.03 -20.13
C MET D 127 -12.09 1.54 -20.37
N SER D 128 -11.96 2.71 -20.98
CA SER D 128 -10.65 3.24 -21.32
C SER D 128 -10.24 4.41 -20.42
N GLY D 129 -11.14 4.88 -19.58
CA GLY D 129 -10.90 6.05 -18.79
C GLY D 129 -12.20 6.50 -18.15
N ALA D 130 -12.19 7.73 -17.63
CA ALA D 130 -13.38 8.30 -17.01
C ALA D 130 -13.29 9.81 -17.02
N ILE D 131 -14.44 10.45 -17.01
CA ILE D 131 -14.54 11.90 -16.92
C ILE D 131 -15.10 12.25 -15.54
N GLY D 132 -14.62 13.35 -14.99
CA GLY D 132 -15.09 13.83 -13.71
C GLY D 132 -15.36 15.31 -13.78
N VAL D 133 -16.55 15.75 -13.36
CA VAL D 133 -16.97 17.15 -13.45
C VAL D 133 -17.48 17.65 -12.09
N SER D 134 -17.06 18.86 -11.70
CA SER D 134 -17.51 19.54 -10.49
C SER D 134 -17.57 21.05 -10.73
N GLY D 135 -18.50 21.72 -10.04
CA GLY D 135 -18.62 23.18 -10.14
C GLY D 135 -20.01 23.76 -10.01
N SER D 136 -21.03 22.91 -10.05
CA SER D 136 -22.41 23.38 -10.03
C SER D 136 -23.21 22.34 -9.26
N SER D 137 -24.53 22.35 -9.41
CA SER D 137 -25.34 21.30 -8.84
C SER D 137 -24.86 19.95 -9.38
N VAL D 138 -25.11 18.88 -8.62
CA VAL D 138 -24.64 17.58 -9.07
C VAL D 138 -25.37 17.16 -10.34
N GLU D 139 -26.59 17.66 -10.53
CA GLU D 139 -27.33 17.34 -11.74
C GLU D 139 -26.68 17.95 -12.96
N ASN D 140 -26.29 19.21 -12.83
CA ASN D 140 -25.55 19.89 -13.89
C ASN D 140 -24.18 19.26 -14.07
N ASP D 141 -23.49 18.96 -12.98
CA ASP D 141 -22.23 18.21 -13.07
C ASP D 141 -22.39 16.94 -13.89
N ASP D 142 -23.47 16.18 -13.66
CA ASP D 142 -23.65 14.93 -14.40
C ASP D 142 -23.99 15.18 -15.87
N ALA D 143 -24.76 16.23 -16.15
CA ALA D 143 -25.11 16.53 -17.52
C ALA D 143 -23.88 16.91 -18.33
N VAL D 144 -23.01 17.72 -17.75
CA VAL D 144 -21.76 18.12 -18.42
C VAL D 144 -20.84 16.91 -18.59
N ALA D 145 -20.76 16.09 -17.55
CA ALA D 145 -19.97 14.87 -17.64
C ALA D 145 -20.44 14.00 -18.80
N LEU D 146 -21.77 13.85 -18.91
CA LEU D 146 -22.34 12.95 -19.91
C LEU D 146 -22.04 13.46 -21.32
N ALA D 147 -22.20 14.76 -21.54
CA ALA D 147 -21.85 15.33 -22.83
C ALA D 147 -20.41 15.05 -23.23
N GLY D 148 -19.49 15.19 -22.27
CA GLY D 148 -18.09 14.93 -22.57
C GLY D 148 -17.81 13.48 -22.90
N ALA D 149 -18.33 12.55 -22.11
CA ALA D 149 -18.06 11.14 -22.37
C ALA D 149 -18.78 10.68 -23.62
N SER D 150 -19.99 11.20 -23.85
CA SER D 150 -20.74 10.89 -25.07
C SER D 150 -20.04 11.36 -26.33
N ALA D 151 -19.16 12.35 -26.22
CA ALA D 151 -18.51 12.87 -27.41
C ALA D 151 -17.47 11.92 -27.95
N ILE D 152 -17.00 10.99 -27.13
CA ILE D 152 -15.89 10.14 -27.56
C ILE D 152 -16.18 8.66 -27.43
N GLY D 153 -17.32 8.29 -26.86
CA GLY D 153 -17.63 6.88 -26.71
C GLY D 153 -18.97 6.66 -26.05
N ASP D 154 -19.15 5.44 -25.53
CA ASP D 154 -20.29 5.07 -24.71
C ASP D 154 -19.99 5.43 -23.25
N THR D 155 -20.97 5.15 -22.38
CA THR D 155 -20.85 5.49 -20.97
C THR D 155 -21.21 4.34 -20.02
N GLU D 156 -21.82 3.26 -20.52
CA GLU D 156 -22.30 2.13 -19.72
C GLU D 156 -21.54 0.86 -20.11
N LEU D 157 -21.23 0.03 -19.13
CA LEU D 157 -20.56 -1.24 -19.40
C LEU D 157 -21.58 -2.34 -19.66
#